data_3NOJ
#
_entry.id   3NOJ
#
_cell.length_a   111.180
_cell.length_b   111.180
_cell.length_c   139.273
_cell.angle_alpha   90.00
_cell.angle_beta   90.00
_cell.angle_gamma   120.00
#
_symmetry.space_group_name_H-M   'H 3 2'
#
loop_
_entity.id
_entity.type
_entity.pdbx_description
1 polymer '4-carboxy-4-hydroxy-2-oxoadipate aldolase/oxaloacetate decarboxylase'
2 non-polymer 'MAGNESIUM ION'
3 non-polymer 'PYRUVIC ACID'
4 non-polymer 'TETRAETHYLENE GLYCOL'
5 water water
#
_entity_poly.entity_id   1
_entity_poly.type   'polypeptide(L)'
_entity_poly.pdbx_seq_one_letter_code
;MNTLIGKTGIVVRNIQRAELDSIDALGRLGVATVHEAQNRKGLLSSKMRPIQQGTSLAGSAVTVLVAPGDNWMFHVAVEQ
CRPGDVLVVSPSSPCTDGYFGDLLATSLQARGVRALIVDAGVRDTQTLRDMGFAVWARAINAQGTVKETLGSVNLPVICG
GQLINPGDIVVADDDGVVVVRRDECESTLVAAAERAGLEEEKRLRLAAGELGLDIYKMRERLEAKGLRYVDNIEDLEG
;
_entity_poly.pdbx_strand_id   A
#
loop_
_chem_comp.id
_chem_comp.type
_chem_comp.name
_chem_comp.formula
MG non-polymer 'MAGNESIUM ION' 'Mg 2'
PG4 non-polymer 'TETRAETHYLENE GLYCOL' 'C8 H18 O5'
PYR non-polymer 'PYRUVIC ACID' 'C3 H4 O3'
#
# COMPACT_ATOMS: atom_id res chain seq x y z
N ASN A 2 4.26 -8.86 -20.92
CA ASN A 2 3.39 -8.63 -19.73
C ASN A 2 1.91 -8.55 -20.13
N THR A 3 1.69 -8.39 -21.44
CA THR A 3 0.47 -8.84 -22.14
C THR A 3 -0.91 -8.43 -21.58
N LEU A 4 -1.32 -9.02 -20.46
CA LEU A 4 -2.72 -8.95 -20.02
C LEU A 4 -3.14 -7.63 -19.35
N ILE A 5 -2.18 -6.72 -19.12
CA ILE A 5 -2.50 -5.42 -18.54
C ILE A 5 -3.44 -4.63 -19.46
N GLY A 6 -4.48 -4.03 -18.87
CA GLY A 6 -5.43 -3.23 -19.62
C GLY A 6 -6.53 -4.02 -20.31
N LYS A 7 -6.45 -5.35 -20.26
CA LYS A 7 -7.46 -6.22 -20.88
C LYS A 7 -8.73 -6.21 -20.06
N THR A 8 -9.89 -6.18 -20.74
CA THR A 8 -11.19 -6.13 -20.07
C THR A 8 -12.05 -7.34 -20.41
N GLY A 9 -13.06 -7.57 -19.58
CA GLY A 9 -14.02 -8.64 -19.79
C GLY A 9 -13.59 -9.99 -19.23
N ILE A 10 -12.57 -10.01 -18.39
CA ILE A 10 -12.02 -11.25 -17.86
C ILE A 10 -11.99 -11.27 -16.33
N VAL A 11 -12.42 -12.39 -15.76
CA VAL A 11 -12.24 -12.66 -14.34
C VAL A 11 -11.41 -13.94 -14.17
N VAL A 12 -10.24 -13.80 -13.56
CA VAL A 12 -9.42 -14.95 -13.17
C VAL A 12 -9.82 -15.36 -11.75
N ARG A 13 -10.29 -16.60 -11.61
CA ARG A 13 -10.84 -17.09 -10.35
C ARG A 13 -9.75 -17.45 -9.35
N ASN A 14 -8.81 -18.28 -9.78
CA ASN A 14 -7.77 -18.80 -8.89
C ASN A 14 -6.51 -17.97 -9.01
N ILE A 15 -6.05 -17.48 -7.88
CA ILE A 15 -4.75 -16.81 -7.80
C ILE A 15 -3.94 -17.47 -6.68
N GLN A 16 -2.63 -17.51 -6.85
CA GLN A 16 -1.75 -18.01 -5.81
C GLN A 16 -1.55 -16.88 -4.82
N ARG A 17 -1.83 -17.14 -3.56
CA ARG A 17 -1.66 -16.15 -2.51
C ARG A 17 -0.40 -16.44 -1.73
N ALA A 18 0.23 -15.38 -1.23
CA ALA A 18 1.22 -15.52 -0.17
C ALA A 18 0.46 -15.91 1.10
N GLU A 19 1.20 -16.12 2.17
CA GLU A 19 0.69 -16.84 3.32
C GLU A 19 0.36 -15.89 4.46
N LEU A 20 -0.71 -16.21 5.19
CA LEU A 20 -1.32 -15.27 6.15
C LEU A 20 -0.36 -14.73 7.19
N ASP A 21 0.45 -15.62 7.78
CA ASP A 21 1.37 -15.23 8.85
C ASP A 21 2.43 -14.28 8.34
N SER A 22 2.97 -14.56 7.17
CA SER A 22 3.96 -13.70 6.53
C SER A 22 3.35 -12.33 6.24
N ILE A 23 2.15 -12.33 5.69
CA ILE A 23 1.42 -11.11 5.37
C ILE A 23 1.17 -10.28 6.64
N ASP A 24 0.69 -10.94 7.69
CA ASP A 24 0.43 -10.27 8.96
C ASP A 24 1.69 -9.59 9.55
N ALA A 25 2.82 -10.28 9.49
CA ALA A 25 4.10 -9.74 9.97
C ALA A 25 4.52 -8.50 9.20
N LEU A 26 4.39 -8.53 7.87
CA LEU A 26 4.71 -7.37 7.04
C LEU A 26 3.88 -6.15 7.43
N GLY A 27 2.58 -6.37 7.69
CA GLY A 27 1.71 -5.31 8.17
C GLY A 27 2.19 -4.66 9.46
N ARG A 28 2.70 -5.47 10.39
CA ARG A 28 3.20 -4.98 11.67
C ARG A 28 4.51 -4.21 11.54
N LEU A 29 5.32 -4.59 10.55
CA LEU A 29 6.62 -3.94 10.32
C LEU A 29 6.45 -2.56 9.68
N GLY A 30 5.44 -2.43 8.82
CA GLY A 30 5.07 -1.15 8.25
C GLY A 30 5.71 -0.84 6.91
N VAL A 31 5.18 0.17 6.26
CA VAL A 31 5.53 0.50 4.88
C VAL A 31 6.98 0.93 4.71
N ALA A 32 7.42 1.88 5.53
CA ALA A 32 8.80 2.39 5.43
C ALA A 32 9.84 1.29 5.58
N THR A 33 9.67 0.45 6.59
CA THR A 33 10.61 -0.63 6.85
C THR A 33 10.61 -1.67 5.71
N VAL A 34 9.43 -2.04 5.25
CA VAL A 34 9.27 -3.00 4.16
C VAL A 34 9.86 -2.47 2.86
N HIS A 35 9.58 -1.21 2.54
CA HIS A 35 10.11 -0.55 1.36
C HIS A 35 11.63 -0.55 1.37
N GLU A 36 12.20 -0.16 2.50
CA GLU A 36 13.66 -0.15 2.64
C GLU A 36 14.24 -1.55 2.50
N ALA A 37 13.55 -2.54 3.09
CA ALA A 37 14.01 -3.92 3.09
C ALA A 37 14.16 -4.49 1.68
N GLN A 38 13.33 -4.04 0.75
CA GLN A 38 13.45 -4.53 -0.64
C GLN A 38 14.11 -3.48 -1.53
N ASN A 39 15.08 -2.77 -0.95
CA ASN A 39 15.97 -1.88 -1.69
C ASN A 39 15.23 -0.71 -2.33
N ARG A 40 14.23 -0.22 -1.60
CA ARG A 40 13.49 0.98 -1.98
C ARG A 40 12.78 0.83 -3.32
N LYS A 41 12.04 -0.27 -3.48
CA LYS A 41 11.17 -0.44 -4.63
C LYS A 41 9.74 -0.71 -4.16
N GLY A 42 8.79 -0.54 -5.06
CA GLY A 42 7.41 -0.97 -4.81
C GLY A 42 6.50 0.05 -4.16
N LEU A 43 7.00 1.26 -3.88
CA LEU A 43 6.18 2.24 -3.18
C LEU A 43 5.19 2.91 -4.11
N LEU A 44 3.92 2.91 -3.73
CA LEU A 44 2.88 3.58 -4.55
C LEU A 44 2.98 5.09 -4.36
N SER A 45 2.39 5.82 -5.31
CA SER A 45 2.36 7.27 -5.26
C SER A 45 1.97 7.78 -3.88
N SER A 46 2.71 8.78 -3.41
CA SER A 46 2.42 9.41 -2.12
C SER A 46 1.03 10.10 -2.10
N LYS A 47 0.39 10.21 -3.27
CA LYS A 47 -0.98 10.72 -3.37
C LYS A 47 -2.07 9.71 -2.94
N MET A 48 -1.69 8.44 -2.82
N MET A 48 -1.66 8.46 -2.74
CA MET A 48 -2.54 7.41 -2.26
CA MET A 48 -2.52 7.37 -2.23
C MET A 48 -2.49 7.60 -0.74
C MET A 48 -2.57 7.43 -0.70
N ARG A 49 -3.61 8.05 -0.15
CA ARG A 49 -3.63 8.42 1.27
C ARG A 49 -4.70 7.67 2.04
N PRO A 50 -4.44 7.37 3.32
CA PRO A 50 -5.45 6.74 4.16
C PRO A 50 -6.58 7.69 4.54
N ILE A 51 -7.79 7.15 4.63
CA ILE A 51 -8.91 7.94 5.12
C ILE A 51 -9.06 7.85 6.65
N GLN A 52 -8.18 7.08 7.28
CA GLN A 52 -8.17 6.91 8.73
C GLN A 52 -6.74 7.10 9.24
N GLN A 53 -6.61 7.24 10.55
CA GLN A 53 -5.31 7.39 11.19
C GLN A 53 -5.06 6.23 12.14
N GLY A 54 -3.85 5.67 12.07
CA GLY A 54 -3.38 4.70 13.05
C GLY A 54 -3.53 3.24 12.65
N THR A 55 -3.99 2.98 11.43
CA THR A 55 -4.13 1.61 10.95
C THR A 55 -2.97 1.23 10.02
N SER A 56 -2.33 0.10 10.34
CA SER A 56 -1.27 -0.50 9.55
C SER A 56 -1.64 -1.96 9.32
N LEU A 57 -1.56 -2.41 8.07
CA LEU A 57 -2.00 -3.75 7.74
C LEU A 57 -1.36 -4.22 6.44
N ALA A 58 -1.61 -5.47 6.10
CA ALA A 58 -1.21 -6.04 4.81
C ALA A 58 -2.19 -7.12 4.39
N GLY A 59 -2.21 -7.42 3.11
CA GLY A 59 -3.03 -8.50 2.60
C GLY A 59 -2.63 -8.90 1.20
N SER A 60 -3.21 -10.00 0.72
CA SER A 60 -3.00 -10.49 -0.63
C SER A 60 -3.89 -9.71 -1.59
N ALA A 61 -3.29 -9.18 -2.65
CA ALA A 61 -4.01 -8.36 -3.63
C ALA A 61 -4.97 -9.14 -4.50
N VAL A 62 -6.25 -8.75 -4.45
CA VAL A 62 -7.22 -9.13 -5.46
C VAL A 62 -7.36 -7.88 -6.29
N THR A 63 -6.97 -7.98 -7.56
CA THR A 63 -6.85 -6.79 -8.40
C THR A 63 -8.10 -6.57 -9.22
N VAL A 64 -8.41 -5.30 -9.45
CA VAL A 64 -9.58 -4.93 -10.25
C VAL A 64 -9.23 -3.77 -11.18
N LEU A 65 -9.55 -3.95 -12.46
CA LEU A 65 -9.50 -2.86 -13.43
C LEU A 65 -10.94 -2.44 -13.68
N VAL A 66 -11.22 -1.16 -13.45
CA VAL A 66 -12.54 -0.60 -13.66
C VAL A 66 -12.48 0.45 -14.76
N ALA A 67 -13.56 0.57 -15.52
CA ALA A 67 -13.65 1.60 -16.55
C ALA A 67 -13.76 2.95 -15.83
N PRO A 68 -13.47 4.06 -16.54
CA PRO A 68 -13.54 5.34 -15.85
C PRO A 68 -14.97 5.67 -15.47
N GLY A 69 -15.18 6.11 -14.23
CA GLY A 69 -16.52 6.44 -13.73
C GLY A 69 -17.46 5.25 -13.68
N ASP A 70 -16.89 4.06 -13.51
CA ASP A 70 -17.66 2.82 -13.59
C ASP A 70 -17.16 1.84 -12.54
N ASN A 71 -18.02 1.49 -11.59
CA ASN A 71 -17.63 0.59 -10.50
C ASN A 71 -18.23 -0.82 -10.60
N TRP A 72 -18.64 -1.20 -11.81
CA TRP A 72 -19.33 -2.47 -12.04
C TRP A 72 -18.53 -3.66 -11.49
N MET A 73 -17.22 -3.61 -11.65
CA MET A 73 -16.38 -4.74 -11.31
C MET A 73 -16.17 -4.95 -9.82
N PHE A 74 -16.53 -3.97 -8.98
CA PHE A 74 -16.39 -4.13 -7.52
C PHE A 74 -17.22 -5.33 -7.03
N HIS A 75 -18.50 -5.40 -7.42
CA HIS A 75 -19.35 -6.53 -7.01
C HIS A 75 -18.88 -7.86 -7.60
N VAL A 76 -18.37 -7.82 -8.83
CA VAL A 76 -17.77 -9.00 -9.46
C VAL A 76 -16.57 -9.49 -8.65
N ALA A 77 -15.75 -8.55 -8.19
CA ALA A 77 -14.53 -8.85 -7.44
C ALA A 77 -14.80 -9.39 -6.04
N VAL A 78 -15.85 -8.91 -5.40
CA VAL A 78 -16.18 -9.34 -4.02
C VAL A 78 -16.25 -10.86 -3.94
N GLU A 79 -16.90 -11.48 -4.92
CA GLU A 79 -17.07 -12.93 -4.95
C GLU A 79 -15.75 -13.70 -5.00
N GLN A 80 -14.71 -13.06 -5.55
CA GLN A 80 -13.40 -13.69 -5.69
C GLN A 80 -12.49 -13.47 -4.47
N CYS A 81 -12.98 -12.72 -3.48
CA CYS A 81 -12.19 -12.40 -2.29
C CYS A 81 -12.34 -13.43 -1.17
N ARG A 82 -11.26 -13.64 -0.44
CA ARG A 82 -11.22 -14.52 0.72
C ARG A 82 -10.71 -13.72 1.91
N PRO A 83 -10.95 -14.21 3.14
CA PRO A 83 -10.39 -13.54 4.30
C PRO A 83 -8.88 -13.30 4.17
N GLY A 84 -8.44 -12.09 4.48
CA GLY A 84 -7.04 -11.72 4.40
C GLY A 84 -6.68 -10.94 3.15
N ASP A 85 -7.56 -10.98 2.15
CA ASP A 85 -7.33 -10.24 0.91
C ASP A 85 -7.47 -8.74 1.11
N VAL A 86 -6.79 -7.99 0.25
CA VAL A 86 -6.97 -6.55 0.13
C VAL A 86 -7.38 -6.29 -1.31
N LEU A 87 -8.47 -5.57 -1.51
CA LEU A 87 -8.91 -5.22 -2.85
C LEU A 87 -8.07 -4.05 -3.35
N VAL A 88 -7.52 -4.19 -4.56
CA VAL A 88 -6.65 -3.19 -5.16
C VAL A 88 -7.27 -2.83 -6.50
N VAL A 89 -7.67 -1.57 -6.63
CA VAL A 89 -8.48 -1.16 -7.78
C VAL A 89 -7.85 0.00 -8.50
N SER A 90 -7.79 -0.10 -9.83
N SER A 90 -7.81 -0.11 -9.84
CA SER A 90 -7.34 1.03 -10.64
CA SER A 90 -7.32 0.95 -10.71
C SER A 90 -8.28 1.24 -11.82
C SER A 90 -8.35 1.22 -11.81
N PRO A 91 -8.60 2.51 -12.12
CA PRO A 91 -9.41 2.81 -13.30
C PRO A 91 -8.54 2.72 -14.54
N SER A 92 -9.16 2.44 -15.69
CA SER A 92 -8.42 2.29 -16.94
C SER A 92 -7.89 3.63 -17.46
N SER A 93 -8.44 4.72 -16.95
CA SER A 93 -7.85 6.06 -17.14
C SER A 93 -8.15 6.90 -15.91
N PRO A 94 -7.33 7.93 -15.65
CA PRO A 94 -7.45 8.63 -14.37
C PRO A 94 -8.86 9.11 -14.05
N CYS A 95 -9.32 8.83 -12.83
CA CYS A 95 -10.64 9.23 -12.39
CA CYS A 95 -10.65 9.23 -12.39
C CYS A 95 -10.69 9.32 -10.88
N THR A 96 -11.31 10.38 -10.35
CA THR A 96 -11.38 10.57 -8.90
C THR A 96 -12.81 10.55 -8.40
N ASP A 97 -13.73 9.99 -9.20
CA ASP A 97 -15.12 9.81 -8.76
C ASP A 97 -15.20 8.86 -7.58
N GLY A 98 -16.32 8.90 -6.88
CA GLY A 98 -16.54 8.03 -5.73
C GLY A 98 -16.95 6.63 -6.17
N TYR A 99 -15.96 5.76 -6.32
CA TYR A 99 -16.20 4.39 -6.81
C TYR A 99 -16.77 3.47 -5.74
N PHE A 100 -16.62 3.85 -4.48
CA PHE A 100 -16.73 2.94 -3.38
C PHE A 100 -17.25 3.66 -2.15
N GLY A 101 -18.14 2.99 -1.43
CA GLY A 101 -18.66 3.50 -0.16
C GLY A 101 -19.03 2.37 0.79
N ASP A 102 -19.97 2.64 1.68
CA ASP A 102 -20.21 1.77 2.82
C ASP A 102 -20.91 0.44 2.49
N LEU A 103 -21.67 0.41 1.40
CA LEU A 103 -22.34 -0.83 0.98
C LEU A 103 -21.33 -1.86 0.49
N LEU A 104 -20.46 -1.43 -0.41
CA LEU A 104 -19.40 -2.30 -0.89
C LEU A 104 -18.47 -2.70 0.26
N ALA A 105 -18.19 -1.76 1.15
CA ALA A 105 -17.38 -2.04 2.34
C ALA A 105 -18.05 -3.10 3.22
N THR A 106 -19.36 -3.01 3.39
CA THR A 106 -20.10 -4.03 4.12
C THR A 106 -19.92 -5.42 3.52
N SER A 107 -20.03 -5.49 2.19
CA SER A 107 -19.86 -6.76 1.47
C SER A 107 -18.44 -7.30 1.62
N LEU A 108 -17.44 -6.42 1.53
CA LEU A 108 -16.05 -6.83 1.68
C LEU A 108 -15.76 -7.34 3.09
N GLN A 109 -16.27 -6.65 4.11
CA GLN A 109 -16.10 -7.07 5.50
C GLN A 109 -16.74 -8.43 5.77
N ALA A 110 -17.87 -8.70 5.11
CA ALA A 110 -18.54 -9.99 5.22
C ALA A 110 -17.67 -11.15 4.71
N ARG A 111 -16.77 -10.87 3.77
CA ARG A 111 -15.81 -11.85 3.23
C ARG A 111 -14.47 -11.86 3.98
N GLY A 112 -14.30 -10.98 4.97
CA GLY A 112 -13.06 -10.88 5.71
C GLY A 112 -11.96 -10.10 5.00
N VAL A 113 -12.35 -9.26 4.04
CA VAL A 113 -11.39 -8.41 3.32
C VAL A 113 -10.91 -7.29 4.25
N ARG A 114 -9.60 -7.04 4.22
CA ARG A 114 -8.94 -6.21 5.22
C ARG A 114 -8.92 -4.72 4.90
N ALA A 115 -9.02 -4.38 3.62
CA ALA A 115 -8.86 -3.00 3.19
C ALA A 115 -9.13 -2.87 1.70
N LEU A 116 -9.26 -1.61 1.26
CA LEU A 116 -9.29 -1.25 -0.15
C LEU A 116 -8.16 -0.27 -0.42
N ILE A 117 -7.46 -0.50 -1.52
CA ILE A 117 -6.52 0.44 -2.10
C ILE A 117 -7.10 0.81 -3.46
N VAL A 118 -7.43 2.09 -3.64
CA VAL A 118 -8.10 2.51 -4.86
C VAL A 118 -7.47 3.77 -5.44
N ASP A 119 -7.04 3.66 -6.70
CA ASP A 119 -6.40 4.78 -7.40
C ASP A 119 -7.49 5.67 -7.99
N ALA A 120 -8.42 6.10 -7.12
CA ALA A 120 -9.56 6.91 -7.49
C ALA A 120 -10.21 7.41 -6.21
N GLY A 121 -11.47 7.80 -6.29
CA GLY A 121 -12.18 8.41 -5.17
C GLY A 121 -13.02 7.44 -4.39
N VAL A 122 -13.27 7.79 -3.13
CA VAL A 122 -14.17 7.05 -2.26
C VAL A 122 -15.14 8.01 -1.56
N ARG A 123 -16.25 7.48 -1.09
CA ARG A 123 -17.24 8.27 -0.39
C ARG A 123 -17.80 7.48 0.79
N ASP A 124 -18.83 8.02 1.44
CA ASP A 124 -19.35 7.48 2.70
C ASP A 124 -18.24 7.33 3.74
N THR A 125 -17.30 8.26 3.76
CA THR A 125 -16.03 8.06 4.48
C THR A 125 -16.17 8.00 6.00
N GLN A 126 -17.09 8.77 6.58
CA GLN A 126 -17.29 8.67 8.03
C GLN A 126 -17.89 7.32 8.40
N THR A 127 -18.80 6.81 7.57
CA THR A 127 -19.36 5.48 7.78
C THR A 127 -18.28 4.41 7.67
N LEU A 128 -17.40 4.56 6.69
CA LEU A 128 -16.26 3.64 6.54
C LEU A 128 -15.40 3.62 7.81
N ARG A 129 -15.10 4.81 8.34
CA ARG A 129 -14.37 4.89 9.62
C ARG A 129 -15.15 4.28 10.78
N ASP A 130 -16.45 4.53 10.83
CA ASP A 130 -17.32 3.99 11.88
C ASP A 130 -17.35 2.46 11.85
N MET A 131 -17.30 1.90 10.64
CA MET A 131 -17.27 0.45 10.44
C MET A 131 -15.88 -0.15 10.69
N GLY A 132 -14.87 0.70 10.67
CA GLY A 132 -13.50 0.26 10.80
C GLY A 132 -13.01 -0.43 9.54
N PHE A 133 -13.50 0.01 8.38
CA PHE A 133 -13.01 -0.53 7.13
C PHE A 133 -11.95 0.41 6.57
N ALA A 134 -10.72 -0.09 6.51
CA ALA A 134 -9.58 0.75 6.12
C ALA A 134 -9.48 0.96 4.62
N VAL A 135 -9.23 2.22 4.23
CA VAL A 135 -9.14 2.60 2.81
C VAL A 135 -7.98 3.55 2.57
N TRP A 136 -7.27 3.30 1.46
CA TRP A 136 -6.29 4.22 0.91
C TRP A 136 -6.82 4.63 -0.45
N ALA A 137 -6.92 5.93 -0.68
CA ALA A 137 -7.54 6.48 -1.90
C ALA A 137 -6.83 7.73 -2.40
N ARG A 138 -7.04 8.03 -3.68
CA ARG A 138 -6.50 9.24 -4.29
C ARG A 138 -7.35 10.47 -3.97
N ALA A 139 -8.62 10.25 -3.61
CA ALA A 139 -9.54 11.37 -3.44
C ALA A 139 -10.72 10.94 -2.60
N ILE A 140 -11.33 11.92 -1.94
CA ILE A 140 -12.63 11.75 -1.32
C ILE A 140 -13.61 12.55 -2.19
N ASN A 141 -14.60 11.85 -2.74
CA ASN A 141 -15.48 12.46 -3.73
C ASN A 141 -16.81 11.75 -3.75
N ALA A 142 -17.88 12.49 -3.47
CA ALA A 142 -19.22 11.90 -3.43
C ALA A 142 -19.82 11.65 -4.81
N GLN A 143 -19.19 12.15 -5.87
CA GLN A 143 -19.70 11.96 -7.23
C GLN A 143 -19.82 10.46 -7.57
N GLY A 144 -21.01 10.02 -7.94
CA GLY A 144 -21.27 8.58 -8.19
C GLY A 144 -20.69 8.03 -9.48
N THR A 145 -20.80 6.71 -9.65
CA THR A 145 -20.34 6.01 -10.85
C THR A 145 -21.50 5.25 -11.50
N VAL A 146 -21.24 4.65 -12.67
CA VAL A 146 -22.23 3.83 -13.37
C VAL A 146 -21.78 2.37 -13.42
N LYS A 147 -22.60 1.52 -14.05
CA LYS A 147 -22.29 0.10 -14.21
C LYS A 147 -22.63 -0.30 -15.65
N GLU A 148 -21.81 0.17 -16.59
CA GLU A 148 -22.05 -0.02 -18.03
C GLU A 148 -20.93 -0.76 -18.74
N THR A 149 -19.69 -0.51 -18.36
CA THR A 149 -18.53 -1.03 -19.09
C THR A 149 -17.78 -2.08 -18.27
N LEU A 150 -17.40 -3.16 -18.94
CA LEU A 150 -16.70 -4.25 -18.29
C LEU A 150 -15.25 -3.86 -18.02
N GLY A 151 -14.73 -4.38 -16.91
CA GLY A 151 -13.31 -4.30 -16.61
C GLY A 151 -12.78 -5.70 -16.42
N SER A 152 -11.88 -5.88 -15.46
CA SER A 152 -11.34 -7.19 -15.17
C SER A 152 -11.08 -7.39 -13.68
N VAL A 153 -10.97 -8.65 -13.29
CA VAL A 153 -10.62 -9.01 -11.93
C VAL A 153 -9.50 -10.05 -11.97
N ASN A 154 -8.49 -9.82 -11.14
CA ASN A 154 -7.33 -10.69 -11.02
C ASN A 154 -6.46 -10.79 -12.27
N LEU A 155 -6.39 -9.69 -13.01
CA LEU A 155 -5.33 -9.45 -13.97
C LEU A 155 -4.41 -8.39 -13.38
N PRO A 156 -3.15 -8.34 -13.85
CA PRO A 156 -2.28 -7.29 -13.33
C PRO A 156 -2.81 -5.89 -13.64
N VAL A 157 -2.57 -4.96 -12.72
CA VAL A 157 -2.96 -3.56 -12.89
C VAL A 157 -1.84 -2.62 -12.50
N ILE A 158 -1.88 -1.40 -13.02
CA ILE A 158 -1.04 -0.33 -12.51
C ILE A 158 -1.86 0.49 -11.53
N CYS A 159 -1.39 0.59 -10.30
CA CYS A 159 -2.10 1.30 -9.24
C CYS A 159 -1.09 2.17 -8.52
N GLY A 160 -1.34 3.47 -8.48
CA GLY A 160 -0.42 4.42 -7.85
C GLY A 160 0.98 4.36 -8.46
N GLY A 161 1.07 4.08 -9.76
CA GLY A 161 2.35 4.03 -10.46
C GLY A 161 3.15 2.75 -10.28
N GLN A 162 2.58 1.75 -9.61
CA GLN A 162 3.23 0.46 -9.43
C GLN A 162 2.42 -0.65 -10.08
N LEU A 163 3.11 -1.59 -10.70
CA LEU A 163 2.46 -2.81 -11.17
C LEU A 163 2.08 -3.65 -9.95
N ILE A 164 0.83 -4.09 -9.90
CA ILE A 164 0.35 -5.00 -8.87
C ILE A 164 -0.18 -6.25 -9.57
N ASN A 165 0.43 -7.41 -9.30
CA ASN A 165 -0.07 -8.69 -9.77
C ASN A 165 -1.03 -9.26 -8.72
N PRO A 166 -2.07 -9.99 -9.15
CA PRO A 166 -2.92 -10.62 -8.15
C PRO A 166 -2.10 -11.58 -7.29
N GLY A 167 -2.32 -11.53 -5.98
CA GLY A 167 -1.57 -12.37 -5.04
C GLY A 167 -0.29 -11.74 -4.52
N ASP A 168 0.11 -10.59 -5.09
CA ASP A 168 1.18 -9.81 -4.50
C ASP A 168 0.68 -9.32 -3.15
N ILE A 169 1.61 -8.96 -2.27
CA ILE A 169 1.25 -8.50 -0.94
C ILE A 169 1.28 -6.98 -0.96
N VAL A 170 0.21 -6.37 -0.49
CA VAL A 170 0.19 -4.91 -0.35
C VAL A 170 0.24 -4.60 1.13
N VAL A 171 1.14 -3.70 1.52
CA VAL A 171 1.31 -3.27 2.89
C VAL A 171 0.92 -1.79 2.91
N ALA A 172 0.09 -1.40 3.86
CA ALA A 172 -0.47 -0.06 3.88
C ALA A 172 -0.51 0.46 5.32
N ASP A 173 -0.13 1.73 5.47
CA ASP A 173 -0.16 2.36 6.78
C ASP A 173 -0.30 3.87 6.61
N ASP A 174 -0.06 4.63 7.68
CA ASP A 174 -0.26 6.08 7.60
C ASP A 174 0.68 6.80 6.64
N ASP A 175 1.80 6.17 6.30
CA ASP A 175 2.79 6.77 5.42
C ASP A 175 2.52 6.52 3.95
N GLY A 176 1.78 5.45 3.65
CA GLY A 176 1.49 5.10 2.26
C GLY A 176 1.25 3.63 2.05
N VAL A 177 1.62 3.14 0.86
CA VAL A 177 1.34 1.76 0.44
C VAL A 177 2.53 1.26 -0.37
N VAL A 178 2.96 0.04 -0.08
CA VAL A 178 4.04 -0.57 -0.85
C VAL A 178 3.59 -1.98 -1.28
N VAL A 179 3.99 -2.37 -2.49
CA VAL A 179 3.74 -3.71 -2.99
C VAL A 179 4.99 -4.57 -2.85
N VAL A 180 4.76 -5.79 -2.37
CA VAL A 180 5.80 -6.82 -2.23
C VAL A 180 5.43 -7.95 -3.18
N ARG A 181 6.33 -8.29 -4.09
CA ARG A 181 6.10 -9.37 -5.04
C ARG A 181 5.88 -10.68 -4.30
N ARG A 182 4.90 -11.45 -4.74
CA ARG A 182 4.54 -12.70 -4.05
C ARG A 182 5.75 -13.61 -3.87
N ASP A 183 6.55 -13.73 -4.92
CA ASP A 183 7.73 -14.60 -4.90
C ASP A 183 8.89 -14.04 -4.08
N GLU A 184 8.83 -12.75 -3.73
CA GLU A 184 9.85 -12.10 -2.92
C GLU A 184 9.40 -11.88 -1.46
N CYS A 185 8.23 -12.39 -1.11
CA CYS A 185 7.65 -12.16 0.22
C CYS A 185 8.59 -12.58 1.34
N GLU A 186 9.16 -13.78 1.20
CA GLU A 186 10.07 -14.36 2.19
C GLU A 186 11.31 -13.50 2.42
N SER A 187 11.98 -13.15 1.33
CA SER A 187 13.21 -12.37 1.44
C SER A 187 12.92 -10.98 2.01
N THR A 188 11.82 -10.37 1.57
CA THR A 188 11.45 -9.03 2.06
C THR A 188 11.10 -9.07 3.55
N LEU A 189 10.35 -10.07 3.98
CA LEU A 189 10.00 -10.19 5.40
C LEU A 189 11.25 -10.31 6.27
N VAL A 190 12.15 -11.20 5.87
CA VAL A 190 13.39 -11.42 6.64
C VAL A 190 14.21 -10.13 6.69
N ALA A 191 14.38 -9.48 5.55
CA ALA A 191 15.13 -8.23 5.48
C ALA A 191 14.51 -7.10 6.30
N ALA A 192 13.17 -7.04 6.30
CA ALA A 192 12.43 -6.02 7.05
C ALA A 192 12.56 -6.24 8.56
N ALA A 193 12.46 -7.50 8.98
CA ALA A 193 12.68 -7.85 10.38
C ALA A 193 14.12 -7.58 10.83
N GLU A 194 15.09 -7.87 9.96
CA GLU A 194 16.50 -7.55 10.26
C GLU A 194 16.66 -6.06 10.49
N ARG A 195 16.09 -5.26 9.60
CA ARG A 195 16.12 -3.81 9.73
C ARG A 195 15.46 -3.35 11.02
N ALA A 196 14.29 -3.93 11.33
CA ALA A 196 13.54 -3.60 12.54
C ALA A 196 14.34 -3.87 13.82
N GLY A 197 15.03 -5.01 13.86
CA GLY A 197 15.87 -5.36 15.00
C GLY A 197 16.99 -4.35 15.20
N LEU A 198 17.68 -4.02 14.11
CA LEU A 198 18.76 -3.04 14.15
C LEU A 198 18.24 -1.68 14.61
N GLU A 199 17.12 -1.25 14.04
CA GLU A 199 16.57 0.06 14.38
C GLU A 199 16.16 0.16 15.85
N GLU A 200 15.68 -0.93 16.42
CA GLU A 200 15.26 -0.90 17.83
C GLU A 200 16.47 -0.71 18.75
N GLU A 201 17.58 -1.38 18.45
CA GLU A 201 18.80 -1.17 19.24
C GLU A 201 19.27 0.29 19.10
N LYS A 202 19.28 0.79 17.87
CA LYS A 202 19.70 2.17 17.60
C LYS A 202 18.81 3.17 18.33
N ARG A 203 17.49 2.93 18.29
CA ARG A 203 16.51 3.80 18.97
C ARG A 203 16.84 3.91 20.46
N LEU A 204 17.17 2.78 21.09
CA LEU A 204 17.51 2.77 22.51
C LEU A 204 18.77 3.59 22.78
N ARG A 205 19.76 3.46 21.91
CA ARG A 205 21.00 4.23 22.02
C ARG A 205 20.74 5.73 21.81
N LEU A 206 19.94 6.06 20.80
CA LEU A 206 19.58 7.44 20.52
C LEU A 206 18.77 8.06 21.67
N ALA A 207 17.85 7.30 22.24
CA ALA A 207 17.06 7.76 23.38
C ALA A 207 17.93 8.04 24.61
N ALA A 208 18.97 7.23 24.78
CA ALA A 208 19.94 7.40 25.85
C ALA A 208 20.80 8.64 25.66
N GLY A 209 20.84 9.16 24.43
CA GLY A 209 21.55 10.40 24.14
C GLY A 209 22.83 10.23 23.34
N GLU A 210 23.11 8.99 22.91
CA GLU A 210 24.24 8.75 22.01
C GLU A 210 23.92 9.39 20.67
N LEU A 211 24.89 10.05 20.07
CA LEU A 211 24.68 10.71 18.79
C LEU A 211 24.85 9.72 17.65
N GLY A 212 24.00 9.86 16.62
CA GLY A 212 24.11 9.04 15.41
C GLY A 212 25.47 9.14 14.74
N LEU A 213 26.06 10.33 14.77
CA LEU A 213 27.41 10.54 14.24
C LEU A 213 28.41 9.54 14.83
N ASP A 214 28.24 9.23 16.11
CA ASP A 214 29.09 8.26 16.80
C ASP A 214 28.60 6.83 16.57
N ILE A 215 27.29 6.62 16.70
CA ILE A 215 26.68 5.31 16.50
C ILE A 215 27.00 4.73 15.12
N TYR A 216 26.71 5.50 14.08
CA TYR A 216 26.89 5.06 12.70
C TYR A 216 28.32 5.30 12.18
N LYS A 217 29.20 5.84 13.02
CA LYS A 217 30.61 6.09 12.68
C LYS A 217 30.75 6.98 11.44
N MET A 218 30.15 8.17 11.52
CA MET A 218 30.03 9.08 10.37
C MET A 218 31.10 10.17 10.33
N ARG A 219 31.72 10.47 11.48
CA ARG A 219 32.53 11.68 11.62
C ARG A 219 33.75 11.74 10.70
N GLU A 220 34.41 10.59 10.52
CA GLU A 220 35.62 10.52 9.72
C GLU A 220 35.28 10.72 8.23
N ARG A 221 34.19 10.11 7.80
CA ARG A 221 33.73 10.21 6.40
C ARG A 221 33.24 11.63 6.09
N LEU A 222 32.61 12.29 7.06
CA LEU A 222 32.17 13.68 6.89
C LEU A 222 33.37 14.61 6.73
N GLU A 223 34.38 14.42 7.56
CA GLU A 223 35.62 15.20 7.47
C GLU A 223 36.31 14.99 6.12
N ALA A 224 36.38 13.74 5.68
CA ALA A 224 37.00 13.39 4.39
C ALA A 224 36.28 14.01 3.20
N LYS A 225 34.95 14.14 3.28
CA LYS A 225 34.15 14.84 2.28
C LYS A 225 34.37 16.35 2.31
N GLY A 226 34.85 16.85 3.44
CA GLY A 226 35.25 18.25 3.58
C GLY A 226 34.35 19.08 4.47
N LEU A 227 33.64 18.45 5.40
CA LEU A 227 32.78 19.16 6.34
C LEU A 227 33.66 19.95 7.29
N ARG A 228 33.37 21.25 7.42
CA ARG A 228 34.19 22.15 8.22
C ARG A 228 33.32 22.82 9.28
N TYR A 229 33.81 22.81 10.52
CA TYR A 229 33.12 23.47 11.62
C TYR A 229 33.74 24.83 11.88
N VAL A 230 32.88 25.83 12.10
CA VAL A 230 33.32 27.13 12.58
C VAL A 230 32.50 27.49 13.81
N ASP A 231 33.10 28.26 14.71
CA ASP A 231 32.41 28.62 15.97
C ASP A 231 31.28 29.61 15.73
N ASN A 232 31.55 30.66 14.96
CA ASN A 232 30.60 31.73 14.73
C ASN A 232 30.42 31.99 13.24
N ILE A 233 29.23 32.44 12.84
CA ILE A 233 28.94 32.70 11.44
C ILE A 233 29.79 33.86 10.89
N GLU A 234 30.22 34.74 11.80
CA GLU A 234 31.11 35.85 11.45
C GLU A 234 32.50 35.40 11.01
N ASP A 235 32.88 34.16 11.37
CA ASP A 235 34.17 33.59 10.94
C ASP A 235 34.23 33.43 9.42
N LEU A 236 33.08 33.20 8.78
CA LEU A 236 33.00 33.11 7.33
C LEU A 236 32.91 34.49 6.71
MG MG B . -22.76 4.56 -0.64
C PYR C . -21.26 2.36 -1.69
O PYR C . -20.66 1.21 -1.86
OXT PYR C . -22.00 2.58 -0.65
CA PYR C . -21.07 3.41 -2.59
O3 PYR C . -21.54 4.60 -2.32
CB PYR C . -20.32 3.17 -3.85
O1 PG4 D . 4.92 -0.06 13.61
C1 PG4 D . 6.28 -0.38 13.30
C2 PG4 D . 7.09 0.91 13.12
O2 PG4 D . 8.13 0.99 14.10
C3 PG4 D . 7.68 1.35 15.40
C4 PG4 D . 8.85 1.77 16.28
O3 PG4 D . 8.37 2.02 17.60
C5 PG4 D . 9.31 2.71 18.42
C6 PG4 D . 8.65 3.05 19.76
O4 PG4 D . 8.02 4.33 19.66
C7 PG4 D . 6.73 4.42 20.29
C8 PG4 D . 6.79 5.41 21.45
O5 PG4 D . 5.54 5.42 22.13
O1 PG4 E . -9.82 16.09 -3.78
C1 PG4 E . -10.61 15.27 -2.91
C2 PG4 E . -9.94 15.12 -1.55
O2 PG4 E . -8.95 14.11 -1.65
C3 PG4 E . -8.38 13.71 -0.40
C4 PG4 E . -7.19 12.80 -0.68
O3 PG4 E . -6.89 11.99 0.45
C5 PG4 E . -7.69 10.81 0.57
C6 PG4 E . -8.05 10.62 2.03
O4 PG4 E . -7.97 11.86 2.73
C7 PG4 E . -8.34 11.76 4.10
C8 PG4 E . -8.47 13.15 4.70
O5 PG4 E . -9.15 13.07 5.96
#